data_3O6K
#
_entry.id   3O6K
#
_cell.length_a   125.143
_cell.length_b   69.443
_cell.length_c   62.456
_cell.angle_alpha   90.00
_cell.angle_beta   115.32
_cell.angle_gamma   90.00
#
_symmetry.space_group_name_H-M   'C 1 2 1'
#
loop_
_entity.id
_entity.type
_entity.pdbx_description
1 polymer "11H6H1 Fab' light chain"
2 polymer "11H6H1 Fab' heavy chain"
3 water water
#
loop_
_entity_poly.entity_id
_entity_poly.type
_entity_poly.pdbx_seq_one_letter_code
_entity_poly.pdbx_strand_id
1 'polypeptide(L)'
;DVVMTQTPLTLSVTIGQPASISCKSGQSLLYSDGKTYLNWLLQRPGQSPKRLIYLVSKLDSGVPDRFTGSGSGTDFTLKI
SRVEAEDLGIYYCWQGTHFPRTFGGGTKLEIKRADAAPTVSIFPPSSEQLTSGGASVVCFLNNFYPKDINVKWKIDGSER
QNGVLNSWTDQDSKDSTYSMSSTLTLTKDEYERHNSYTCEATHKTSTSPIVKSFNRNEC
;
L
2 'polypeptide(L)'
;EVKLVESGGGLVKPGGSLKLSCAASGFAFSSYDMSWFCQTPEKRLEWVASISSGGSYTYYPDSVKGRFTISRDNARNTLY
LQMNSLRSEDTALYYCARDYDYGVDYWGQGTSVTVSSAKTTPPSVYPLAPGSAAQTNSMVTLGCLVKGYFPEPVTVTWNS
GSLSSGVHTFPAVLQSDLYTLSSSVTVPSSTWPSETVTCNVAHPASSTKVDKKIVPRDC
;
H
#
# COMPACT_ATOMS: atom_id res chain seq x y z
N ASP A 1 13.40 -6.82 23.11
CA ASP A 1 13.05 -7.55 21.87
C ASP A 1 14.27 -7.68 20.99
N VAL A 2 14.36 -8.78 20.25
CA VAL A 2 15.50 -9.04 19.41
C VAL A 2 15.43 -8.23 18.10
N VAL A 3 16.43 -7.42 17.84
CA VAL A 3 16.45 -6.58 16.64
C VAL A 3 16.79 -7.42 15.40
N MET A 4 16.03 -7.21 14.31
CA MET A 4 16.29 -7.91 13.07
C MET A 4 16.64 -6.87 12.01
N THR A 5 17.84 -6.98 11.42
CA THR A 5 18.35 -5.97 10.46
C THR A 5 18.54 -6.59 9.09
N GLN A 6 17.81 -6.07 8.11
CA GLN A 6 17.94 -6.50 6.71
C GLN A 6 18.77 -5.60 5.81
N THR A 7 19.63 -6.21 4.99
CA THR A 7 20.42 -5.50 3.95
C THR A 7 20.33 -6.18 2.62
N PRO A 8 20.13 -5.40 1.51
CA PRO A 8 19.88 -3.95 1.42
C PRO A 8 18.42 -3.60 1.71
N LEU A 9 18.07 -2.32 1.82
CA LEU A 9 16.64 -1.97 1.93
C LEU A 9 15.91 -2.17 0.60
N THR A 10 16.68 -2.08 -0.47
CA THR A 10 16.17 -2.06 -1.81
C THR A 10 17.04 -2.89 -2.74
N LEU A 11 16.42 -3.69 -3.62
CA LEU A 11 17.13 -4.41 -4.65
C LEU A 11 16.48 -4.04 -5.99
N SER A 12 17.27 -3.86 -7.04
CA SER A 12 16.75 -3.71 -8.39
C SER A 12 17.46 -4.75 -9.24
N VAL A 13 16.70 -5.64 -9.89
CA VAL A 13 17.25 -6.83 -10.60
C VAL A 13 16.52 -7.11 -11.92
N THR A 14 17.32 -7.42 -12.97
CA THR A 14 16.78 -7.86 -14.27
C THR A 14 16.33 -9.31 -14.24
N ILE A 15 15.22 -9.62 -14.94
CA ILE A 15 14.75 -10.98 -15.00
C ILE A 15 15.86 -11.93 -15.45
N GLY A 16 16.00 -13.07 -14.75
CA GLY A 16 17.06 -14.04 -15.07
C GLY A 16 18.34 -13.85 -14.28
N GLN A 17 18.47 -12.77 -13.54
CA GLN A 17 19.69 -12.51 -12.78
C GLN A 17 19.50 -12.88 -11.30
N PRO A 18 20.62 -13.22 -10.56
CA PRO A 18 20.52 -13.57 -9.13
C PRO A 18 20.37 -12.35 -8.20
N ALA A 19 19.91 -12.58 -6.97
CA ALA A 19 19.87 -11.55 -5.95
C ALA A 19 20.06 -12.24 -4.61
N SER A 20 20.50 -11.48 -3.64
CA SER A 20 20.48 -11.97 -2.31
C SER A 20 20.18 -10.92 -1.26
N ILE A 21 19.63 -11.37 -0.14
CA ILE A 21 19.27 -10.48 0.97
C ILE A 21 19.91 -11.04 2.25
N SER A 22 20.49 -10.14 3.04
CA SER A 22 21.11 -10.43 4.34
C SER A 22 20.17 -10.14 5.53
N CYS A 23 20.09 -11.06 6.51
CA CYS A 23 19.35 -10.76 7.76
C CYS A 23 20.25 -10.94 8.94
N LYS A 24 20.38 -9.93 9.80
CA LYS A 24 21.23 -10.08 11.01
C LYS A 24 20.45 -9.86 12.26
N SER A 25 20.59 -10.74 13.23
CA SER A 25 19.79 -10.62 14.40
C SER A 25 20.68 -10.11 15.57
N GLY A 26 20.09 -9.41 16.55
CA GLY A 26 20.85 -8.86 17.68
C GLY A 26 21.33 -9.98 18.61
N GLN A 27 20.69 -11.16 18.57
CA GLN A 27 21.12 -12.30 19.43
C GLN A 27 21.01 -13.57 18.65
N SER A 28 21.67 -14.61 19.15
CA SER A 28 21.65 -15.85 18.40
C SER A 28 20.22 -16.37 18.42
N LEU A 29 19.82 -16.91 17.27
CA LEU A 29 18.49 -17.45 17.08
C LEU A 29 18.44 -18.98 17.34
N LEU A 30 19.53 -19.55 17.85
CA LEU A 30 19.49 -20.97 18.22
C LEU A 30 18.66 -21.16 19.50
N TYR A 31 17.56 -21.94 19.45
CA TYR A 31 16.71 -22.10 20.64
C TYR A 31 17.26 -23.26 21.51
N SER A 32 16.78 -23.39 22.74
CA SER A 32 17.34 -24.44 23.62
C SER A 32 17.06 -25.87 23.15
N ASP A 33 16.14 -26.06 22.21
CA ASP A 33 15.90 -27.38 21.66
C ASP A 33 16.86 -27.69 20.48
N GLY A 34 17.82 -26.79 20.18
CA GLY A 34 18.79 -27.01 19.09
C GLY A 34 18.36 -26.54 17.67
N LYS A 35 17.10 -26.16 17.53
CA LYS A 35 16.62 -25.65 16.22
C LYS A 35 16.79 -24.12 16.19
N THR A 36 16.83 -23.57 14.98
CA THR A 36 17.00 -22.15 14.72
C THR A 36 15.71 -21.66 13.98
N TYR A 37 14.88 -20.91 14.69
CA TYR A 37 13.57 -20.54 14.18
C TYR A 37 13.67 -19.24 13.39
N LEU A 38 14.26 -19.28 12.25
CA LEU A 38 14.39 -18.11 11.43
C LEU A 38 13.66 -18.36 10.12
N ASN A 39 12.92 -17.39 9.68
CA ASN A 39 11.86 -17.55 8.70
C ASN A 39 12.01 -16.44 7.71
N TRP A 40 11.61 -16.69 6.44
CA TRP A 40 11.47 -15.64 5.43
C TRP A 40 10.10 -15.68 4.81
N LEU A 41 9.56 -14.48 4.45
CA LEU A 41 8.31 -14.41 3.77
C LEU A 41 8.34 -13.29 2.68
N LEU A 42 7.42 -13.39 1.72
CA LEU A 42 7.25 -12.40 0.64
C LEU A 42 5.83 -11.83 0.77
N GLN A 43 5.70 -10.50 0.71
CA GLN A 43 4.37 -9.90 0.53
C GLN A 43 4.38 -9.13 -0.79
N ARG A 44 3.64 -9.63 -1.76
CA ARG A 44 3.50 -8.94 -3.07
C ARG A 44 2.51 -7.80 -2.89
N PRO A 45 2.53 -6.77 -3.79
CA PRO A 45 1.62 -5.64 -3.54
C PRO A 45 0.14 -6.05 -3.50
N GLY A 46 -0.60 -5.69 -2.47
CA GLY A 46 -2.04 -6.03 -2.39
C GLY A 46 -2.40 -7.46 -2.03
N GLN A 47 -1.39 -8.25 -1.63
CA GLN A 47 -1.57 -9.62 -1.33
C GLN A 47 -1.21 -9.82 0.16
N SER A 48 -1.52 -11.01 0.66
CA SER A 48 -1.15 -11.36 2.01
C SER A 48 0.25 -11.98 2.02
N PRO A 49 0.94 -11.92 3.17
CA PRO A 49 2.27 -12.52 3.24
C PRO A 49 2.19 -14.02 2.80
N LYS A 50 3.29 -14.53 2.23
CA LYS A 50 3.38 -15.90 1.72
C LYS A 50 4.66 -16.48 2.35
N ARG A 51 4.57 -17.63 3.00
CA ARG A 51 5.81 -18.25 3.51
C ARG A 51 6.81 -18.63 2.44
N LEU A 52 8.10 -18.29 2.66
CA LEU A 52 9.14 -18.76 1.74
C LEU A 52 10.01 -19.89 2.31
N ILE A 53 10.56 -19.64 3.50
CA ILE A 53 11.62 -20.45 4.15
C ILE A 53 11.29 -20.52 5.66
N TYR A 54 11.48 -21.68 6.28
CA TYR A 54 11.30 -21.80 7.71
C TYR A 54 12.48 -22.67 8.19
N LEU A 55 12.81 -22.62 9.47
CA LEU A 55 13.98 -23.33 10.00
C LEU A 55 15.24 -23.02 9.18
N VAL A 56 15.46 -21.74 8.87
CA VAL A 56 16.64 -21.27 8.13
C VAL A 56 16.74 -21.65 6.65
N SER A 57 16.57 -22.91 6.33
CA SER A 57 16.81 -23.39 4.95
C SER A 57 15.68 -24.23 4.38
N LYS A 58 14.64 -24.49 5.15
CA LYS A 58 13.54 -25.33 4.65
C LYS A 58 12.57 -24.58 3.70
N LEU A 59 12.34 -25.16 2.53
CA LEU A 59 11.58 -24.48 1.43
C LEU A 59 10.06 -24.76 1.45
N ASP A 60 9.25 -23.70 1.50
CA ASP A 60 7.83 -23.82 1.44
C ASP A 60 7.50 -24.59 0.10
N SER A 61 6.52 -25.49 0.12
CA SER A 61 6.29 -26.28 -1.08
C SER A 61 5.63 -25.51 -2.24
N GLY A 62 5.05 -24.34 -1.98
CA GLY A 62 4.51 -23.57 -3.09
C GLY A 62 5.58 -22.71 -3.76
N VAL A 63 6.82 -22.74 -3.26
CA VAL A 63 7.91 -21.84 -3.69
C VAL A 63 8.95 -22.60 -4.51
N PRO A 64 9.33 -22.08 -5.67
CA PRO A 64 10.37 -22.80 -6.45
C PRO A 64 11.78 -22.79 -5.84
N ASP A 65 12.61 -23.82 -6.17
CA ASP A 65 13.92 -24.00 -5.49
C ASP A 65 15.04 -23.03 -5.98
N ARG A 66 14.69 -22.14 -6.88
CA ARG A 66 15.51 -20.99 -7.09
C ARG A 66 15.66 -20.08 -5.83
N PHE A 67 14.79 -20.25 -4.82
CA PHE A 67 14.98 -19.63 -3.51
C PHE A 67 15.66 -20.60 -2.61
N THR A 68 16.70 -20.13 -1.95
CA THR A 68 17.33 -20.91 -0.89
C THR A 68 17.65 -19.99 0.31
N GLY A 69 17.69 -20.57 1.51
CA GLY A 69 18.06 -19.85 2.73
C GLY A 69 19.28 -20.52 3.38
N SER A 70 20.18 -19.74 4.01
CA SER A 70 21.28 -20.31 4.78
C SER A 70 21.64 -19.42 5.95
N GLY A 71 22.57 -19.90 6.77
CA GLY A 71 23.14 -19.11 7.85
C GLY A 71 22.97 -19.83 9.18
N SER A 72 23.43 -19.18 10.27
CA SER A 72 23.37 -19.75 11.62
C SER A 72 23.64 -18.66 12.61
N GLY A 73 23.21 -18.85 13.85
CA GLY A 73 23.67 -17.92 14.88
C GLY A 73 22.96 -16.59 14.71
N THR A 74 23.66 -15.61 14.16
CA THR A 74 23.06 -14.24 14.01
C THR A 74 23.01 -13.80 12.57
N ASP A 75 23.56 -14.59 11.65
CA ASP A 75 23.71 -14.16 10.24
C ASP A 75 22.99 -15.00 9.23
N PHE A 76 22.08 -14.44 8.43
CA PHE A 76 21.33 -15.32 7.52
C PHE A 76 21.24 -14.69 6.14
N THR A 77 20.98 -15.49 5.11
CA THR A 77 20.94 -14.95 3.77
C THR A 77 19.82 -15.68 3.06
N LEU A 78 19.03 -14.90 2.31
CA LEU A 78 18.04 -15.44 1.36
C LEU A 78 18.66 -15.23 0.01
N LYS A 79 18.78 -16.27 -0.79
CA LYS A 79 19.30 -16.13 -2.14
C LYS A 79 18.23 -16.49 -3.19
N ILE A 80 18.14 -15.69 -4.26
CA ILE A 80 17.33 -16.07 -5.43
C ILE A 80 18.29 -16.29 -6.60
N SER A 81 18.32 -17.50 -7.12
CA SER A 81 19.33 -17.81 -8.12
C SER A 81 19.05 -17.13 -9.44
N ARG A 82 17.76 -16.99 -9.78
CA ARG A 82 17.36 -16.22 -10.94
C ARG A 82 15.97 -15.59 -10.65
N VAL A 83 15.93 -14.26 -10.77
CA VAL A 83 14.76 -13.46 -10.42
C VAL A 83 13.74 -13.57 -11.55
N GLU A 84 12.46 -13.75 -11.19
CA GLU A 84 11.36 -13.73 -12.20
C GLU A 84 10.36 -12.64 -11.85
N ALA A 85 9.47 -12.30 -12.82
CA ALA A 85 8.60 -11.13 -12.70
C ALA A 85 7.75 -11.15 -11.44
N GLU A 86 7.22 -12.32 -11.11
CA GLU A 86 6.35 -12.48 -9.96
C GLU A 86 7.04 -12.31 -8.60
N ASP A 87 8.37 -12.15 -8.61
CA ASP A 87 9.17 -11.96 -7.36
C ASP A 87 9.07 -10.54 -6.81
N LEU A 88 8.47 -9.65 -7.60
CA LEU A 88 8.13 -8.28 -7.19
C LEU A 88 7.44 -8.23 -5.80
N GLY A 89 7.99 -7.44 -4.86
CA GLY A 89 7.35 -7.27 -3.55
C GLY A 89 8.33 -7.04 -2.38
N ILE A 90 7.85 -7.19 -1.13
CA ILE A 90 8.72 -6.86 0.00
C ILE A 90 9.00 -8.17 0.71
N TYR A 91 10.30 -8.45 0.95
CA TYR A 91 10.77 -9.72 1.54
C TYR A 91 11.06 -9.40 3.03
N TYR A 92 10.65 -10.27 3.95
CA TYR A 92 10.92 -10.06 5.38
C TYR A 92 11.50 -11.32 6.00
N CYS A 93 12.49 -11.12 6.86
CA CYS A 93 12.93 -12.19 7.76
C CYS A 93 12.25 -11.96 9.10
N TRP A 94 12.04 -13.03 9.86
CA TRP A 94 11.44 -12.91 11.17
C TRP A 94 11.87 -14.07 12.05
N GLN A 95 11.98 -13.81 13.37
CA GLN A 95 12.46 -14.83 14.33
C GLN A 95 11.39 -15.26 15.29
N GLY A 96 11.30 -16.59 15.51
CA GLY A 96 10.37 -17.18 16.50
C GLY A 96 11.12 -17.80 17.72
N THR A 97 12.40 -17.49 17.91
CA THR A 97 13.17 -18.16 18.97
C THR A 97 12.99 -17.46 20.29
N HIS A 98 13.02 -16.13 20.26
CA HIS A 98 12.93 -15.32 21.45
C HIS A 98 11.51 -14.68 21.55
N PHE A 99 10.94 -14.69 22.75
CA PHE A 99 9.71 -13.90 23.03
C PHE A 99 9.99 -12.37 23.19
N PRO A 100 9.26 -11.47 22.49
CA PRO A 100 8.21 -11.59 21.48
C PRO A 100 8.81 -11.96 20.11
N ARG A 101 8.09 -12.70 19.31
CA ARG A 101 8.48 -12.79 17.86
C ARG A 101 8.81 -11.43 17.25
N THR A 102 9.82 -11.30 16.39
CA THR A 102 10.07 -9.95 15.83
C THR A 102 10.45 -10.13 14.34
N PHE A 103 10.20 -9.09 13.55
CA PHE A 103 10.45 -9.06 12.11
C PHE A 103 11.57 -8.08 11.71
N GLY A 104 12.30 -8.46 10.66
CA GLY A 104 13.08 -7.51 9.91
C GLY A 104 12.18 -6.39 9.36
N GLY A 105 12.81 -5.28 8.97
CA GLY A 105 12.09 -4.14 8.36
C GLY A 105 11.64 -4.28 6.92
N GLY A 106 12.10 -5.33 6.23
CA GLY A 106 11.73 -5.55 4.81
C GLY A 106 12.74 -5.05 3.80
N THR A 107 12.83 -5.77 2.68
CA THR A 107 13.69 -5.40 1.56
C THR A 107 12.72 -5.35 0.35
N LYS A 108 12.69 -4.21 -0.36
CA LYS A 108 11.78 -4.12 -1.47
C LYS A 108 12.49 -4.57 -2.76
N LEU A 109 11.91 -5.50 -3.51
CA LEU A 109 12.57 -5.99 -4.72
C LEU A 109 11.81 -5.38 -5.88
N GLU A 110 12.55 -4.64 -6.71
CA GLU A 110 12.02 -4.05 -7.94
C GLU A 110 12.62 -4.83 -9.12
N ILE A 111 11.85 -4.99 -10.19
CA ILE A 111 12.30 -5.64 -11.40
C ILE A 111 12.83 -4.56 -12.35
N LYS A 112 14.03 -4.73 -12.93
CA LYS A 112 14.54 -3.71 -13.88
C LYS A 112 13.87 -3.95 -15.19
N ARG A 113 13.55 -2.87 -15.88
CA ARG A 113 13.06 -2.96 -17.26
C ARG A 113 13.78 -1.84 -18.03
N ALA A 114 13.46 -1.69 -19.29
CA ALA A 114 14.12 -0.67 -20.10
C ALA A 114 13.57 0.68 -19.62
N ASP A 115 14.38 1.72 -19.78
CA ASP A 115 13.94 3.09 -19.48
C ASP A 115 12.65 3.37 -20.18
N ALA A 116 11.75 4.11 -19.51
CA ALA A 116 10.51 4.54 -20.09
C ALA A 116 10.29 5.98 -19.61
N ALA A 117 9.98 6.88 -20.56
CA ALA A 117 9.72 8.30 -20.25
C ALA A 117 8.35 8.56 -19.57
N PRO A 118 8.25 9.48 -18.60
CA PRO A 118 6.88 9.75 -18.05
C PRO A 118 5.98 10.50 -19.04
N THR A 119 4.72 10.12 -19.11
CA THR A 119 3.69 10.99 -19.66
C THR A 119 3.11 11.95 -18.66
N VAL A 120 3.36 13.25 -18.87
CA VAL A 120 3.10 14.30 -17.91
C VAL A 120 1.88 15.09 -18.37
N SER A 121 0.92 15.29 -17.45
CA SER A 121 -0.34 16.07 -17.71
C SER A 121 -0.59 16.99 -16.52
N ILE A 122 -0.92 18.26 -16.77
CA ILE A 122 -1.24 19.20 -15.70
C ILE A 122 -2.75 19.59 -15.75
N PHE A 123 -3.36 19.79 -14.61
CA PHE A 123 -4.81 20.11 -14.54
C PHE A 123 -5.02 21.26 -13.59
N PRO A 124 -5.64 22.37 -14.09
CA PRO A 124 -6.04 23.50 -13.22
C PRO A 124 -7.13 23.04 -12.25
N PRO A 125 -7.33 23.79 -11.14
CA PRO A 125 -8.47 23.44 -10.23
C PRO A 125 -9.80 23.42 -11.00
N SER A 126 -10.69 22.46 -10.72
CA SER A 126 -12.02 22.51 -11.32
C SER A 126 -12.82 23.74 -10.82
N SER A 127 -13.69 24.26 -11.67
CA SER A 127 -14.72 25.17 -11.22
C SER A 127 -15.43 24.82 -9.89
N GLU A 128 -15.90 23.59 -9.78
CA GLU A 128 -16.48 23.08 -8.55
C GLU A 128 -15.68 23.30 -7.31
N GLN A 129 -14.42 22.90 -7.35
CA GLN A 129 -13.59 23.02 -6.15
C GLN A 129 -13.39 24.48 -5.73
N LEU A 130 -13.20 25.37 -6.68
CA LEU A 130 -13.12 26.80 -6.34
C LEU A 130 -14.27 27.30 -5.40
N THR A 131 -15.47 26.76 -5.62
CA THR A 131 -16.66 27.08 -4.78
C THR A 131 -16.52 26.59 -3.36
N SER A 132 -15.63 25.67 -3.10
CA SER A 132 -15.40 25.31 -1.70
C SER A 132 -14.42 26.30 -1.06
N GLY A 133 -13.86 27.21 -1.86
CA GLY A 133 -12.78 28.07 -1.35
C GLY A 133 -11.36 27.48 -1.40
N GLY A 134 -11.20 26.25 -1.91
CA GLY A 134 -9.89 25.61 -2.08
C GLY A 134 -9.47 25.44 -3.52
N ALA A 135 -8.19 25.24 -3.79
CA ALA A 135 -7.79 25.07 -5.19
C ALA A 135 -6.61 24.07 -5.30
N SER A 136 -6.84 22.95 -5.98
CA SER A 136 -5.77 21.95 -6.22
C SER A 136 -5.36 21.88 -7.65
N VAL A 137 -4.06 21.97 -7.90
CA VAL A 137 -3.50 21.83 -9.25
C VAL A 137 -2.93 20.42 -9.29
N VAL A 138 -3.31 19.63 -10.25
CA VAL A 138 -2.89 18.25 -10.28
C VAL A 138 -1.94 17.97 -11.44
N CYS A 139 -0.82 17.30 -11.16
CA CYS A 139 0.05 16.81 -12.21
C CYS A 139 0.19 15.25 -12.15
N PHE A 140 -0.16 14.53 -13.20
CA PHE A 140 0.17 13.12 -13.32
C PHE A 140 1.47 12.88 -14.12
N LEU A 141 2.31 12.00 -13.62
CA LEU A 141 3.49 11.58 -14.33
C LEU A 141 3.44 10.08 -14.44
N ASN A 142 3.08 9.59 -15.60
CA ASN A 142 2.67 8.18 -15.69
C ASN A 142 3.57 7.26 -16.49
N ASN A 143 3.67 5.99 -16.06
CA ASN A 143 4.46 4.96 -16.75
C ASN A 143 5.93 5.28 -17.08
N PHE A 144 6.71 5.63 -16.08
CA PHE A 144 8.13 5.88 -16.24
C PHE A 144 9.00 4.82 -15.53
N TYR A 145 10.25 4.72 -15.98
CA TYR A 145 11.28 3.86 -15.37
C TYR A 145 12.63 4.43 -15.80
N PRO A 146 13.64 4.55 -14.89
CA PRO A 146 13.64 4.12 -13.46
C PRO A 146 12.77 5.00 -12.57
N LYS A 147 12.68 4.64 -11.30
CA LYS A 147 11.87 5.41 -10.36
C LYS A 147 12.49 6.79 -10.05
N ASP A 148 13.79 6.97 -10.29
CA ASP A 148 14.43 8.23 -9.92
C ASP A 148 13.85 9.37 -10.79
N ILE A 149 13.27 10.36 -10.16
CA ILE A 149 12.63 11.44 -10.91
C ILE A 149 12.58 12.65 -9.95
N ASN A 150 12.77 13.84 -10.48
CA ASN A 150 12.59 15.06 -9.65
C ASN A 150 11.51 15.97 -10.25
N VAL A 151 10.49 16.29 -9.44
CA VAL A 151 9.28 16.97 -9.88
C VAL A 151 9.28 18.29 -9.11
N LYS A 152 9.16 19.42 -9.80
CA LYS A 152 9.10 20.74 -9.14
C LYS A 152 7.89 21.51 -9.61
N TRP A 153 7.32 22.28 -8.71
CA TRP A 153 6.22 23.18 -9.03
C TRP A 153 6.81 24.61 -9.04
N LYS A 154 6.42 25.40 -10.04
CA LYS A 154 6.81 26.80 -10.14
C LYS A 154 5.57 27.66 -10.29
N ILE A 155 5.47 28.73 -9.50
CA ILE A 155 4.38 29.67 -9.67
C ILE A 155 5.00 31.02 -10.04
N ASP A 156 4.50 31.56 -11.14
CA ASP A 156 5.10 32.75 -11.78
C ASP A 156 6.62 32.71 -11.80
N GLY A 157 7.12 31.51 -12.09
CA GLY A 157 8.54 31.20 -12.25
C GLY A 157 9.28 30.76 -11.00
N SER A 158 8.67 30.97 -9.81
CA SER A 158 9.35 30.70 -8.53
C SER A 158 8.97 29.30 -8.00
N GLU A 159 9.95 28.53 -7.54
CA GLU A 159 9.71 27.26 -6.88
C GLU A 159 8.82 27.27 -5.61
N ARG A 160 7.95 26.27 -5.53
CA ARG A 160 7.12 26.17 -4.33
C ARG A 160 7.06 24.73 -3.86
N GLN A 161 7.37 24.54 -2.58
CA GLN A 161 7.36 23.21 -2.00
C GLN A 161 6.20 23.08 -0.97
N ASN A 162 5.79 24.23 -0.42
CA ASN A 162 4.64 24.34 0.46
C ASN A 162 3.27 23.94 -0.17
N GLY A 163 2.54 23.04 0.49
CA GLY A 163 1.25 22.59 0.02
C GLY A 163 1.32 21.51 -1.08
N VAL A 164 2.53 21.02 -1.37
CA VAL A 164 2.70 19.96 -2.38
C VAL A 164 2.60 18.61 -1.70
N LEU A 165 1.74 17.74 -2.22
CA LEU A 165 1.74 16.30 -1.82
C LEU A 165 1.86 15.32 -3.03
N ASN A 166 2.63 14.25 -2.89
CA ASN A 166 2.99 13.38 -4.02
C ASN A 166 2.46 12.00 -3.65
N SER A 167 2.02 11.19 -4.58
CA SER A 167 1.65 9.81 -4.20
C SER A 167 2.14 8.95 -5.32
N TRP A 168 2.80 7.81 -4.99
CA TRP A 168 3.43 6.92 -6.00
C TRP A 168 2.61 5.62 -6.06
N THR A 169 2.43 5.03 -7.25
CA THR A 169 1.86 3.69 -7.30
C THR A 169 2.97 2.69 -6.99
N ASP A 170 2.60 1.43 -6.70
CA ASP A 170 3.58 0.33 -6.66
C ASP A 170 4.04 0.05 -8.12
N GLN A 171 5.19 -0.56 -8.34
CA GLN A 171 5.60 -0.95 -9.68
C GLN A 171 4.55 -1.86 -10.33
N ASP A 172 4.18 -1.54 -11.56
CA ASP A 172 3.14 -2.29 -12.23
C ASP A 172 3.63 -3.73 -12.44
N SER A 173 2.78 -4.72 -12.12
CA SER A 173 3.19 -6.13 -12.27
C SER A 173 3.07 -6.56 -13.74
N LYS A 174 2.40 -5.75 -14.54
CA LYS A 174 2.31 -5.97 -15.97
C LYS A 174 3.46 -5.29 -16.79
N ASP A 175 3.76 -4.00 -16.57
CA ASP A 175 4.80 -3.38 -17.43
C ASP A 175 6.03 -2.89 -16.68
N SER A 176 6.00 -3.01 -15.36
CA SER A 176 7.21 -2.75 -14.55
C SER A 176 7.52 -1.24 -14.45
N THR A 177 6.54 -0.41 -14.81
CA THR A 177 6.70 1.04 -14.67
C THR A 177 6.12 1.53 -13.33
N TYR A 178 6.47 2.78 -13.00
CA TYR A 178 5.92 3.53 -11.92
C TYR A 178 5.04 4.65 -12.47
N SER A 179 4.12 5.11 -11.62
CA SER A 179 3.34 6.32 -11.88
C SER A 179 3.28 7.14 -10.56
N MET A 180 3.12 8.48 -10.68
CA MET A 180 2.95 9.33 -9.51
C MET A 180 2.04 10.53 -9.82
N SER A 181 1.31 11.00 -8.80
CA SER A 181 0.52 12.23 -8.89
C SER A 181 1.18 13.19 -7.94
N SER A 182 1.26 14.45 -8.37
CA SER A 182 1.77 15.52 -7.53
C SER A 182 0.67 16.58 -7.54
N THR A 183 0.24 16.94 -6.34
CA THR A 183 -0.88 17.85 -6.17
C THR A 183 -0.44 19.07 -5.38
N LEU A 184 -0.63 20.24 -5.96
CA LEU A 184 -0.30 21.53 -5.30
C LEU A 184 -1.62 22.13 -4.79
N THR A 185 -1.74 22.38 -3.49
CA THR A 185 -3.04 22.81 -2.96
C THR A 185 -2.95 24.20 -2.34
N LEU A 186 -3.75 25.14 -2.85
CA LEU A 186 -3.77 26.53 -2.33
C LEU A 186 -5.14 26.88 -1.83
N THR A 187 -5.29 27.98 -1.10
CA THR A 187 -6.63 28.52 -0.88
C THR A 187 -7.03 29.12 -2.26
N LYS A 188 -8.32 29.29 -2.56
CA LYS A 188 -8.77 30.02 -3.77
C LYS A 188 -8.16 31.44 -3.87
N ASP A 189 -8.06 32.11 -2.74
CA ASP A 189 -7.52 33.48 -2.70
C ASP A 189 -6.05 33.49 -3.12
N GLU A 190 -5.25 32.60 -2.53
CA GLU A 190 -3.84 32.47 -2.91
C GLU A 190 -3.67 32.14 -4.39
N TYR A 191 -4.53 31.25 -4.88
CA TYR A 191 -4.45 30.76 -6.26
C TYR A 191 -4.65 31.90 -7.20
N GLU A 192 -5.73 32.63 -6.91
CA GLU A 192 -6.12 33.79 -7.67
C GLU A 192 -5.15 35.01 -7.68
N ARG A 193 -4.20 35.03 -6.75
CA ARG A 193 -3.11 36.00 -6.80
C ARG A 193 -1.90 35.65 -7.67
N HIS A 194 -1.97 34.64 -8.54
CA HIS A 194 -0.83 34.32 -9.41
C HIS A 194 -1.30 33.92 -10.79
N ASN A 195 -0.43 33.91 -11.75
CA ASN A 195 -0.89 33.66 -13.10
C ASN A 195 -0.39 32.38 -13.72
N SER A 196 0.85 32.04 -13.44
CA SER A 196 1.47 30.96 -14.17
C SER A 196 1.81 29.77 -13.24
N TYR A 197 1.33 28.59 -13.60
CA TYR A 197 1.49 27.37 -12.78
C TYR A 197 2.20 26.30 -13.64
N THR A 198 3.30 25.74 -13.15
CA THR A 198 4.09 24.75 -13.94
C THR A 198 4.42 23.52 -13.11
N CYS A 199 4.38 22.38 -13.78
CA CYS A 199 4.79 21.10 -13.23
C CYS A 199 6.01 20.68 -14.06
N GLU A 200 7.17 20.65 -13.40
CA GLU A 200 8.39 20.39 -14.14
C GLU A 200 9.16 19.12 -13.67
N ALA A 201 9.45 18.22 -14.59
CA ALA A 201 10.08 16.97 -14.16
C ALA A 201 11.46 16.74 -14.81
N THR A 202 12.38 16.17 -14.05
CA THR A 202 13.64 15.76 -14.60
C THR A 202 13.83 14.24 -14.48
N HIS A 203 14.16 13.58 -15.59
CA HIS A 203 14.27 12.12 -15.62
C HIS A 203 15.39 11.80 -16.62
N LYS A 204 16.06 10.65 -16.46
CA LYS A 204 17.15 10.29 -17.34
C LYS A 204 16.71 10.08 -18.77
N THR A 205 15.41 9.94 -19.02
CA THR A 205 14.99 9.64 -20.39
C THR A 205 15.11 10.83 -21.36
N SER A 206 15.25 12.05 -20.82
CA SER A 206 15.37 13.24 -21.71
C SER A 206 16.54 14.12 -21.32
N THR A 207 17.22 14.71 -22.33
CA THR A 207 18.33 15.61 -21.98
C THR A 207 17.89 16.95 -21.30
N SER A 208 16.60 17.31 -21.39
CA SER A 208 16.06 18.46 -20.72
C SER A 208 14.81 18.18 -19.87
N PRO A 209 14.43 19.13 -19.00
CA PRO A 209 13.27 18.88 -18.13
C PRO A 209 11.99 18.73 -18.95
N ILE A 210 11.07 17.93 -18.46
CA ILE A 210 9.75 17.80 -19.04
C ILE A 210 8.88 18.89 -18.34
N VAL A 211 8.34 19.83 -19.14
CA VAL A 211 7.61 20.98 -18.58
C VAL A 211 6.17 20.92 -19.08
N LYS A 212 5.20 21.08 -18.16
CA LYS A 212 3.78 21.17 -18.48
C LYS A 212 3.29 22.33 -17.68
N SER A 213 2.56 23.22 -18.33
CA SER A 213 2.32 24.55 -17.79
C SER A 213 0.92 25.09 -18.20
N PHE A 214 0.35 25.98 -17.41
CA PHE A 214 -0.82 26.80 -17.81
C PHE A 214 -0.81 28.18 -17.13
N ASN A 215 -1.60 29.08 -17.69
CA ASN A 215 -1.63 30.46 -17.24
C ASN A 215 -2.92 30.82 -16.55
N ARG A 216 -4.06 30.35 -17.03
CA ARG A 216 -5.31 30.63 -16.34
C ARG A 216 -5.89 31.95 -16.82
N ASN A 217 -6.28 31.95 -18.07
CA ASN A 217 -6.83 33.13 -18.77
C ASN A 217 -6.38 32.99 -20.21
N GLU B 1 -7.03 -25.97 0.17
CA GLU B 1 -8.00 -26.17 1.24
C GLU B 1 -7.87 -25.01 2.29
N VAL B 2 -6.66 -24.67 2.77
CA VAL B 2 -6.53 -23.79 4.01
C VAL B 2 -7.04 -22.36 3.83
N LYS B 3 -8.15 -22.03 4.46
CA LYS B 3 -8.69 -20.71 4.24
C LYS B 3 -9.00 -19.95 5.55
N LEU B 4 -8.66 -18.65 5.57
CA LEU B 4 -8.67 -17.82 6.79
C LEU B 4 -9.24 -16.45 6.41
N VAL B 5 -10.41 -16.13 6.90
CA VAL B 5 -11.11 -14.96 6.46
C VAL B 5 -11.53 -14.06 7.60
N GLU B 6 -10.80 -12.99 7.78
CA GLU B 6 -11.01 -12.10 8.91
C GLU B 6 -12.22 -11.17 8.72
N SER B 7 -12.88 -10.78 9.79
CA SER B 7 -13.84 -9.71 9.62
C SER B 7 -13.88 -8.87 10.89
N GLY B 8 -14.57 -7.74 10.80
CA GLY B 8 -14.88 -6.95 12.01
C GLY B 8 -14.10 -5.66 12.11
N GLY B 9 -13.18 -5.44 11.17
CA GLY B 9 -12.37 -4.24 11.13
C GLY B 9 -13.24 -3.02 10.85
N GLY B 10 -12.78 -1.82 11.19
CA GLY B 10 -13.56 -0.60 10.87
C GLY B 10 -12.87 0.56 11.59
N LEU B 11 -13.57 1.69 11.63
CA LEU B 11 -13.17 2.90 12.39
C LEU B 11 -13.63 2.91 13.85
N VAL B 12 -12.71 3.17 14.78
CA VAL B 12 -13.00 3.12 16.22
C VAL B 12 -12.34 4.33 16.89
N LYS B 13 -13.01 4.89 17.94
CA LYS B 13 -12.47 6.08 18.61
C LYS B 13 -11.32 5.66 19.53
N PRO B 14 -10.39 6.58 19.83
CA PRO B 14 -9.28 6.26 20.75
C PRO B 14 -9.92 5.98 22.06
N GLY B 15 -9.47 4.93 22.76
CA GLY B 15 -10.12 4.42 23.97
C GLY B 15 -11.25 3.42 23.74
N GLY B 16 -11.65 3.18 22.50
CA GLY B 16 -12.84 2.33 22.25
C GLY B 16 -12.46 0.84 22.18
N SER B 17 -13.42 0.02 21.74
CA SER B 17 -13.30 -1.45 21.66
C SER B 17 -13.72 -1.94 20.29
N LEU B 18 -13.16 -3.05 19.84
CA LEU B 18 -13.66 -3.68 18.64
C LEU B 18 -13.34 -5.18 18.80
N LYS B 19 -14.16 -6.05 18.23
CA LYS B 19 -13.87 -7.49 18.28
C LYS B 19 -13.67 -7.97 16.83
N LEU B 20 -12.52 -8.57 16.54
CA LEU B 20 -12.29 -9.09 15.18
C LEU B 20 -12.58 -10.59 15.20
N SER B 21 -12.92 -11.16 14.07
CA SER B 21 -13.11 -12.58 13.99
C SER B 21 -12.33 -13.12 12.78
N CYS B 22 -11.95 -14.40 12.84
CA CYS B 22 -11.30 -15.05 11.71
C CYS B 22 -12.04 -16.42 11.50
N ALA B 23 -12.71 -16.60 10.36
CA ALA B 23 -13.40 -17.88 10.10
C ALA B 23 -12.42 -18.81 9.38
N ALA B 24 -12.15 -19.97 9.98
CA ALA B 24 -11.24 -20.93 9.37
C ALA B 24 -12.02 -22.10 8.69
N SER B 25 -11.47 -22.59 7.59
CA SER B 25 -12.09 -23.73 6.87
C SER B 25 -11.03 -24.40 6.02
N GLY B 26 -11.26 -25.68 5.72
CA GLY B 26 -10.37 -26.41 4.83
C GLY B 26 -9.31 -27.14 5.63
N PHE B 27 -9.46 -27.20 6.94
CA PHE B 27 -8.46 -27.87 7.81
C PHE B 27 -9.02 -28.07 9.19
N ALA B 28 -8.39 -28.93 9.98
CA ALA B 28 -8.93 -29.25 11.29
C ALA B 28 -8.48 -28.19 12.30
N PHE B 29 -9.16 -27.05 12.24
CA PHE B 29 -8.98 -25.88 13.15
C PHE B 29 -8.57 -26.19 14.57
N SER B 30 -9.29 -27.08 15.23
CA SER B 30 -9.05 -27.31 16.64
C SER B 30 -7.69 -27.99 16.93
N SER B 31 -7.05 -28.56 15.91
CA SER B 31 -5.71 -29.15 16.10
C SER B 31 -4.49 -28.20 16.08
N TYR B 32 -4.67 -26.90 15.81
CA TYR B 32 -3.56 -26.00 15.55
C TYR B 32 -3.61 -24.81 16.46
N ASP B 33 -2.44 -24.39 16.85
CA ASP B 33 -2.18 -23.15 17.56
C ASP B 33 -2.43 -22.03 16.51
N MET B 34 -2.96 -20.89 16.94
CA MET B 34 -3.30 -19.80 15.98
C MET B 34 -2.76 -18.46 16.52
N SER B 35 -2.56 -17.46 15.62
CA SER B 35 -1.97 -16.18 16.05
C SER B 35 -2.62 -15.05 15.32
N TRP B 36 -2.48 -13.85 15.87
CA TRP B 36 -2.81 -12.58 15.16
C TRP B 36 -1.52 -11.77 14.95
N PHE B 37 -1.40 -11.11 13.80
CA PHE B 37 -0.28 -10.30 13.47
C PHE B 37 -0.92 -9.06 12.86
N CYS B 38 -0.13 -7.99 12.59
CA CYS B 38 -0.74 -6.88 11.88
C CYS B 38 0.34 -6.28 11.02
N GLN B 39 -0.08 -5.52 10.00
CA GLN B 39 0.87 -4.82 9.14
C GLN B 39 0.51 -3.35 9.26
N THR B 40 1.47 -2.50 9.68
CA THR B 40 1.19 -1.06 9.88
C THR B 40 1.07 -0.31 8.53
N PRO B 41 0.59 0.96 8.56
CA PRO B 41 0.53 1.73 7.33
C PRO B 41 1.93 1.90 6.69
N GLU B 42 3.01 1.90 7.47
CA GLU B 42 4.37 2.01 6.92
C GLU B 42 4.89 0.62 6.45
N LYS B 43 4.03 -0.38 6.46
CA LYS B 43 4.41 -1.76 6.07
C LYS B 43 5.38 -2.46 7.00
N ARG B 44 5.32 -2.14 8.29
CA ARG B 44 6.02 -2.97 9.25
C ARG B 44 5.10 -4.14 9.65
N LEU B 45 5.64 -5.33 9.79
CA LEU B 45 4.88 -6.47 10.40
C LEU B 45 5.17 -6.63 11.89
N GLU B 46 4.14 -6.93 12.68
CA GLU B 46 4.30 -7.13 14.12
C GLU B 46 3.46 -8.34 14.56
N TRP B 47 3.94 -9.11 15.54
CA TRP B 47 3.14 -10.13 16.20
C TRP B 47 2.22 -9.51 17.24
N VAL B 48 0.97 -9.94 17.31
CA VAL B 48 -0.04 -9.33 18.19
C VAL B 48 -0.44 -10.27 19.36
N ALA B 49 -0.75 -11.54 19.04
CA ALA B 49 -1.25 -12.52 20.09
C ALA B 49 -1.19 -13.94 19.57
N SER B 50 -1.06 -14.89 20.50
CA SER B 50 -1.08 -16.32 20.06
C SER B 50 -1.95 -17.12 21.04
N ILE B 51 -2.56 -18.20 20.53
CA ILE B 51 -3.36 -19.08 21.39
C ILE B 51 -3.17 -20.61 21.05
N SER B 52 -3.12 -21.49 22.08
CA SER B 52 -2.89 -22.94 21.85
C SER B 52 -4.12 -23.56 21.18
N SER B 53 -3.94 -24.71 20.57
CA SER B 53 -5.05 -25.46 19.90
C SER B 53 -6.34 -25.53 20.74
N GLY B 54 -6.17 -25.81 22.04
CA GLY B 54 -7.31 -26.08 22.91
C GLY B 54 -7.79 -24.85 23.65
N GLY B 55 -7.02 -23.76 23.53
CA GLY B 55 -7.51 -22.47 24.00
C GLY B 55 -6.98 -22.21 25.39
N SER B 56 -6.34 -23.22 25.97
CA SER B 56 -5.84 -23.10 27.33
C SER B 56 -4.74 -21.95 27.48
N TYR B 57 -3.73 -21.93 26.58
CA TYR B 57 -2.56 -21.01 26.68
C TYR B 57 -2.69 -19.77 25.81
N THR B 58 -2.55 -18.58 26.40
CA THR B 58 -2.53 -17.35 25.57
C THR B 58 -1.26 -16.53 25.83
N TYR B 59 -0.75 -15.85 24.80
CA TYR B 59 0.50 -15.10 24.87
C TYR B 59 0.34 -13.74 24.17
N TYR B 60 0.97 -12.72 24.73
CA TYR B 60 0.78 -11.36 24.29
C TYR B 60 2.06 -10.62 24.43
N PRO B 61 2.47 -9.87 23.38
CA PRO B 61 3.57 -8.96 23.65
C PRO B 61 3.14 -7.78 24.55
N ASP B 62 4.13 -7.07 25.07
CA ASP B 62 3.89 -5.94 26.00
C ASP B 62 3.04 -4.84 25.36
N SER B 63 3.22 -4.58 24.06
CA SER B 63 2.49 -3.54 23.31
C SER B 63 0.96 -3.67 23.43
N VAL B 64 0.46 -4.89 23.68
CA VAL B 64 -0.97 -5.10 23.79
C VAL B 64 -1.43 -5.75 25.13
N LYS B 65 -0.49 -6.18 25.98
CA LYS B 65 -0.83 -6.91 27.23
C LYS B 65 -1.81 -6.08 28.10
N GLY B 66 -2.91 -6.63 28.58
CA GLY B 66 -3.89 -5.84 29.36
C GLY B 66 -4.98 -5.16 28.51
N ARG B 67 -4.79 -5.05 27.19
CA ARG B 67 -5.76 -4.36 26.31
C ARG B 67 -6.51 -5.32 25.35
N PHE B 68 -5.81 -6.32 24.84
CA PHE B 68 -6.34 -7.23 23.81
C PHE B 68 -6.51 -8.61 24.41
N THR B 69 -7.56 -9.34 24.02
CA THR B 69 -7.71 -10.79 24.34
C THR B 69 -7.94 -11.65 23.07
N ILE B 70 -7.23 -12.77 22.96
CA ILE B 70 -7.39 -13.66 21.88
C ILE B 70 -8.20 -14.86 22.42
N SER B 71 -9.13 -15.38 21.64
CA SER B 71 -9.91 -16.51 22.10
C SER B 71 -10.31 -17.29 20.86
N ARG B 72 -10.86 -18.47 21.07
CA ARG B 72 -11.32 -19.25 19.93
C ARG B 72 -12.58 -20.02 20.28
N ASP B 73 -13.38 -20.27 19.28
CA ASP B 73 -14.51 -21.23 19.42
C ASP B 73 -14.24 -22.37 18.43
N ASN B 74 -13.73 -23.44 18.98
CA ASN B 74 -13.48 -24.63 18.21
C ASN B 74 -14.74 -25.30 17.63
N ALA B 75 -15.92 -25.06 18.22
CA ALA B 75 -17.22 -25.54 17.62
C ALA B 75 -17.55 -24.81 16.33
N ARG B 76 -17.12 -23.56 16.27
CA ARG B 76 -17.43 -22.74 15.12
C ARG B 76 -16.22 -22.45 14.19
N ASN B 77 -15.11 -23.16 14.38
CA ASN B 77 -13.92 -22.94 13.57
C ASN B 77 -13.56 -21.46 13.43
N THR B 78 -13.59 -20.74 14.54
CA THR B 78 -13.50 -19.28 14.48
C THR B 78 -12.55 -18.85 15.57
N LEU B 79 -11.59 -18.00 15.22
CA LEU B 79 -10.67 -17.28 16.12
C LEU B 79 -11.12 -15.80 16.35
N TYR B 80 -10.84 -15.22 17.52
CA TYR B 80 -11.32 -13.84 17.84
C TYR B 80 -10.21 -13.02 18.42
N LEU B 81 -10.25 -11.69 18.23
CA LEU B 81 -9.35 -10.82 18.91
C LEU B 81 -10.23 -9.68 19.47
N GLN B 82 -10.40 -9.64 20.78
CA GLN B 82 -11.15 -8.58 21.45
C GLN B 82 -10.18 -7.44 21.68
N MET B 83 -10.47 -6.27 21.19
CA MET B 83 -9.47 -5.18 21.36
C MET B 83 -10.08 -4.07 22.24
N ASN B 84 -9.47 -3.77 23.39
CA ASN B 84 -9.98 -2.66 24.23
C ASN B 84 -8.94 -1.60 24.35
N SER B 85 -9.31 -0.44 24.89
CA SER B 85 -8.35 0.68 25.08
C SER B 85 -7.51 0.95 23.85
N LEU B 86 -8.14 1.00 22.71
CA LEU B 86 -7.46 1.14 21.46
C LEU B 86 -6.77 2.50 21.35
N ARG B 87 -5.63 2.58 20.70
CA ARG B 87 -4.93 3.82 20.49
C ARG B 87 -4.65 4.02 19.02
N SER B 88 -4.42 5.29 18.62
CA SER B 88 -4.08 5.55 17.21
C SER B 88 -2.87 4.71 16.63
N GLU B 89 -1.88 4.38 17.45
CA GLU B 89 -0.73 3.59 17.02
C GLU B 89 -1.16 2.12 16.76
N ASP B 90 -2.36 1.73 17.14
CA ASP B 90 -2.86 0.36 16.81
C ASP B 90 -3.46 0.30 15.38
N THR B 91 -3.58 1.45 14.69
CA THR B 91 -4.04 1.44 13.27
C THR B 91 -3.25 0.49 12.39
N ALA B 92 -3.91 -0.50 11.77
CA ALA B 92 -3.15 -1.51 11.00
C ALA B 92 -4.07 -2.45 10.30
N LEU B 93 -3.47 -3.31 9.46
CA LEU B 93 -4.26 -4.37 8.81
C LEU B 93 -3.96 -5.60 9.67
N TYR B 94 -4.98 -6.15 10.33
CA TYR B 94 -4.82 -7.30 11.26
C TYR B 94 -5.03 -8.62 10.51
N TYR B 95 -4.14 -9.59 10.71
CA TYR B 95 -4.18 -10.86 9.97
C TYR B 95 -4.27 -11.96 10.98
N CYS B 96 -5.15 -12.93 10.77
CA CYS B 96 -4.97 -14.18 11.53
C CYS B 96 -4.04 -15.11 10.72
N ALA B 97 -3.41 -16.05 11.42
CA ALA B 97 -2.35 -16.84 10.86
C ALA B 97 -2.30 -18.19 11.58
N ARG B 98 -1.89 -19.24 10.89
CA ARG B 98 -1.86 -20.57 11.50
C ARG B 98 -0.43 -20.86 11.92
N ASP B 99 -0.20 -21.26 13.17
CA ASP B 99 1.14 -21.59 13.61
C ASP B 99 1.36 -23.07 13.35
N TYR B 100 2.31 -23.40 12.53
CA TYR B 100 2.60 -24.81 12.20
C TYR B 100 3.93 -24.88 11.49
N ASP B 101 4.55 -26.05 11.50
CA ASP B 101 5.87 -26.13 10.90
C ASP B 101 6.88 -25.16 11.44
N TYR B 102 6.96 -25.03 12.78
CA TYR B 102 8.01 -24.26 13.46
C TYR B 102 7.99 -22.79 13.03
N GLY B 103 6.81 -22.32 12.63
CA GLY B 103 6.63 -20.93 12.18
C GLY B 103 5.17 -20.61 11.88
N VAL B 104 4.91 -19.92 10.78
CA VAL B 104 3.54 -19.65 10.42
C VAL B 104 3.47 -20.12 8.99
N ASP B 105 2.44 -20.89 8.63
CA ASP B 105 2.36 -21.38 7.22
C ASP B 105 1.31 -20.72 6.37
N TYR B 106 0.18 -20.35 6.94
CA TYR B 106 -0.85 -19.69 6.16
C TYR B 106 -1.23 -18.39 6.86
N TRP B 107 -1.43 -17.35 6.07
CA TRP B 107 -1.93 -16.04 6.55
C TRP B 107 -3.32 -15.80 5.98
N GLY B 108 -4.14 -15.01 6.68
CA GLY B 108 -5.50 -14.67 6.22
C GLY B 108 -5.44 -13.54 5.18
N GLN B 109 -6.57 -12.88 4.95
CA GLN B 109 -6.56 -11.82 3.92
C GLN B 109 -6.43 -10.43 4.57
N GLY B 110 -6.70 -10.39 5.89
CA GLY B 110 -6.51 -9.19 6.76
C GLY B 110 -7.83 -8.42 6.87
N THR B 111 -8.03 -7.74 8.01
CA THR B 111 -9.17 -6.85 8.20
C THR B 111 -8.60 -5.52 8.81
N SER B 112 -9.00 -4.38 8.19
CA SER B 112 -8.37 -3.08 8.39
C SER B 112 -8.93 -2.30 9.63
N VAL B 113 -8.04 -1.79 10.47
CA VAL B 113 -8.54 -1.14 11.67
C VAL B 113 -7.92 0.27 11.73
N THR B 114 -8.76 1.31 11.92
CA THR B 114 -8.25 2.69 12.02
C THR B 114 -8.76 3.22 13.35
N VAL B 115 -7.86 3.71 14.19
CA VAL B 115 -8.27 4.23 15.48
C VAL B 115 -8.05 5.73 15.44
N SER B 116 -9.13 6.50 15.55
CA SER B 116 -9.08 7.95 15.31
C SER B 116 -10.35 8.59 15.85
N SER B 117 -10.22 9.83 16.35
CA SER B 117 -11.41 10.58 16.78
C SER B 117 -12.00 11.40 15.61
N ALA B 118 -11.33 11.41 14.46
CA ALA B 118 -11.88 12.14 13.27
C ALA B 118 -13.18 11.45 12.78
N LYS B 119 -14.16 12.23 12.32
CA LYS B 119 -15.43 11.62 11.97
C LYS B 119 -15.48 11.20 10.53
N THR B 120 -16.26 10.15 10.27
CA THR B 120 -16.66 9.77 8.94
C THR B 120 -17.22 10.96 8.13
N THR B 121 -16.60 11.24 6.99
CA THR B 121 -16.86 12.42 6.14
C THR B 121 -16.87 11.89 4.68
N PRO B 122 -17.98 12.10 3.93
CA PRO B 122 -18.00 11.67 2.56
C PRO B 122 -17.07 12.55 1.64
N PRO B 123 -16.63 12.01 0.50
CA PRO B 123 -15.69 12.77 -0.30
C PRO B 123 -16.38 13.83 -1.14
N SER B 124 -15.62 14.83 -1.54
CA SER B 124 -15.98 15.76 -2.60
C SER B 124 -15.32 15.19 -3.82
N VAL B 125 -15.99 15.15 -4.95
CA VAL B 125 -15.36 14.54 -6.11
C VAL B 125 -15.26 15.61 -7.24
N TYR B 126 -14.06 15.93 -7.72
CA TYR B 126 -13.95 17.02 -8.70
C TYR B 126 -13.38 16.52 -9.99
N PRO B 127 -13.91 17.01 -11.12
CA PRO B 127 -13.44 16.53 -12.44
C PRO B 127 -12.08 17.16 -12.82
N LEU B 128 -11.19 16.37 -13.43
CA LEU B 128 -9.90 16.87 -13.95
C LEU B 128 -9.96 16.81 -15.48
N ALA B 129 -10.29 17.96 -16.08
CA ALA B 129 -10.28 18.14 -17.56
C ALA B 129 -9.10 19.04 -17.99
N PRO B 130 -8.51 18.87 -19.15
CA PRO B 130 -7.38 19.72 -19.54
C PRO B 130 -7.65 21.26 -19.57
N GLY B 131 -6.62 22.07 -19.43
CA GLY B 131 -6.78 23.50 -19.44
C GLY B 131 -7.27 23.86 -20.81
N SER B 132 -7.88 25.00 -20.98
CA SER B 132 -8.45 25.35 -22.28
C SER B 132 -7.42 25.35 -23.43
N ALA B 133 -6.13 25.46 -23.12
CA ALA B 133 -5.04 25.24 -24.09
C ALA B 133 -4.49 23.80 -24.14
N ALA B 134 -4.29 23.27 -25.33
CA ALA B 134 -4.08 21.85 -25.51
C ALA B 134 -2.80 21.48 -26.23
N GLN B 135 -2.98 20.74 -27.30
CA GLN B 135 -1.92 20.29 -28.13
C GLN B 135 -2.06 18.80 -28.31
N THR B 136 -0.98 18.12 -27.98
CA THR B 136 -0.84 16.70 -27.91
C THR B 136 -2.20 16.22 -28.00
N ASN B 137 -2.35 15.12 -28.70
CA ASN B 137 -3.68 14.75 -28.96
C ASN B 137 -3.86 13.35 -29.37
N SER B 138 -2.87 12.58 -29.73
CA SER B 138 -3.36 11.25 -30.02
C SER B 138 -4.16 10.81 -28.82
N MET B 139 -3.60 10.96 -27.64
CA MET B 139 -4.31 10.52 -26.45
C MET B 139 -4.50 11.67 -25.49
N VAL B 140 -5.57 11.63 -24.73
CA VAL B 140 -5.89 12.68 -23.80
C VAL B 140 -6.04 12.06 -22.42
N THR B 141 -5.50 12.70 -21.39
CA THR B 141 -5.59 12.12 -20.05
C THR B 141 -6.58 12.95 -19.27
N LEU B 142 -7.48 12.27 -18.54
CA LEU B 142 -8.52 12.90 -17.72
C LEU B 142 -8.40 12.31 -16.27
N GLY B 143 -9.05 12.92 -15.29
CA GLY B 143 -8.96 12.38 -13.92
C GLY B 143 -10.10 12.82 -13.03
N CYS B 144 -10.12 12.22 -11.83
CA CYS B 144 -10.99 12.68 -10.74
C CYS B 144 -10.17 12.92 -9.51
N LEU B 145 -10.44 14.00 -8.81
CA LEU B 145 -9.80 14.27 -7.53
C LEU B 145 -10.89 14.03 -6.49
N VAL B 146 -10.56 13.14 -5.54
CA VAL B 146 -11.53 12.61 -4.58
C VAL B 146 -10.99 13.11 -3.27
N LYS B 147 -11.56 14.21 -2.77
CA LYS B 147 -10.87 14.97 -1.75
C LYS B 147 -11.66 15.06 -0.44
N GLY B 148 -10.93 15.00 0.68
CA GLY B 148 -11.54 15.29 1.98
C GLY B 148 -12.47 14.23 2.56
N TYR B 149 -12.17 12.94 2.35
CA TYR B 149 -12.96 11.88 2.95
C TYR B 149 -12.28 11.13 4.11
N PHE B 150 -13.06 10.41 4.89
CA PHE B 150 -12.50 9.57 5.95
C PHE B 150 -13.61 8.69 6.49
N PRO B 151 -13.32 7.45 6.84
CA PRO B 151 -12.00 6.83 6.84
C PRO B 151 -11.72 6.23 5.45
N GLU B 152 -10.62 5.47 5.29
CA GLU B 152 -10.42 4.61 4.12
C GLU B 152 -11.43 3.47 4.16
N PRO B 153 -11.77 2.87 3.02
CA PRO B 153 -11.21 3.10 1.69
C PRO B 153 -12.23 3.78 0.80
N VAL B 154 -11.80 4.19 -0.40
CA VAL B 154 -12.74 4.51 -1.46
C VAL B 154 -12.37 3.54 -2.57
N THR B 155 -13.35 3.25 -3.42
CA THR B 155 -13.11 2.64 -4.71
C THR B 155 -13.42 3.62 -5.87
N VAL B 156 -12.60 3.59 -6.93
CA VAL B 156 -12.77 4.39 -8.16
C VAL B 156 -12.78 3.50 -9.42
N THR B 157 -13.73 3.75 -10.31
CA THR B 157 -13.79 2.98 -11.55
C THR B 157 -14.16 4.04 -12.56
N TRP B 158 -14.00 3.71 -13.84
CA TRP B 158 -14.26 4.66 -14.86
C TRP B 158 -15.27 4.02 -15.82
N ASN B 159 -16.36 4.74 -16.17
CA ASN B 159 -17.44 4.18 -16.99
C ASN B 159 -17.90 2.82 -16.45
N SER B 160 -18.11 2.80 -15.13
CA SER B 160 -18.52 1.61 -14.41
C SER B 160 -17.64 0.38 -14.63
N GLY B 161 -16.34 0.56 -14.86
CA GLY B 161 -15.46 -0.60 -14.98
C GLY B 161 -15.09 -0.93 -16.41
N SER B 162 -15.90 -0.47 -17.37
CA SER B 162 -15.53 -0.66 -18.75
C SER B 162 -14.46 0.39 -18.94
N LEU B 163 -13.26 -0.02 -19.22
CA LEU B 163 -12.17 0.92 -19.26
C LEU B 163 -10.85 0.41 -18.69
N SER B 164 -10.82 -0.04 -17.47
CA SER B 164 -9.66 -0.65 -16.90
C SER B 164 -8.22 -0.28 -17.37
N SER B 165 -7.86 -0.46 -18.64
CA SER B 165 -6.50 -0.17 -19.05
C SER B 165 -6.34 1.32 -19.21
N GLY B 166 -5.15 1.84 -19.02
CA GLY B 166 -5.04 3.29 -19.13
C GLY B 166 -5.43 3.97 -17.82
N VAL B 167 -5.89 3.21 -16.82
CA VAL B 167 -6.20 3.91 -15.56
C VAL B 167 -5.09 3.77 -14.51
N HIS B 168 -4.83 4.85 -13.76
CA HIS B 168 -3.97 4.81 -12.55
C HIS B 168 -4.69 5.46 -11.40
N THR B 169 -4.88 4.73 -10.31
CA THR B 169 -5.56 5.27 -9.12
C THR B 169 -4.52 5.24 -8.06
N PHE B 170 -4.25 6.38 -7.49
CA PHE B 170 -3.14 6.51 -6.60
C PHE B 170 -3.54 6.33 -5.15
N PRO B 171 -2.60 5.81 -4.32
CA PRO B 171 -2.86 5.72 -2.87
C PRO B 171 -3.23 7.08 -2.28
N ALA B 172 -4.20 7.06 -1.38
CA ALA B 172 -4.66 8.26 -0.68
C ALA B 172 -3.54 8.85 0.14
N VAL B 173 -3.51 10.16 0.31
CA VAL B 173 -2.72 10.86 1.31
C VAL B 173 -3.55 11.65 2.35
N LEU B 174 -2.97 11.92 3.53
CA LEU B 174 -3.58 12.71 4.61
C LEU B 174 -3.27 14.17 4.58
N GLN B 175 -4.27 14.99 4.62
CA GLN B 175 -4.20 16.39 4.32
C GLN B 175 -5.32 17.09 5.11
N SER B 176 -4.95 17.73 6.21
CA SER B 176 -5.90 18.41 7.09
C SER B 176 -6.67 17.38 7.87
N ASP B 177 -5.98 16.33 8.25
CA ASP B 177 -6.55 15.16 8.91
C ASP B 177 -7.70 14.43 8.16
N LEU B 178 -7.68 14.52 6.86
CA LEU B 178 -8.59 13.81 5.94
C LEU B 178 -7.80 13.27 4.73
N TYR B 179 -8.38 12.27 4.04
CA TYR B 179 -7.73 11.63 2.86
C TYR B 179 -8.09 12.30 1.54
N THR B 180 -7.10 12.34 0.65
CA THR B 180 -7.27 12.83 -0.72
C THR B 180 -6.62 11.83 -1.65
N LEU B 181 -7.34 11.48 -2.68
CA LEU B 181 -6.75 10.63 -3.71
C LEU B 181 -7.07 11.13 -5.11
N SER B 182 -6.22 10.72 -6.06
CA SER B 182 -6.45 11.04 -7.47
C SER B 182 -6.53 9.78 -8.31
N SER B 183 -7.23 9.80 -9.44
CA SER B 183 -7.23 8.70 -10.40
C SER B 183 -7.12 9.34 -11.79
N SER B 184 -6.20 8.87 -12.60
CA SER B 184 -6.15 9.30 -14.03
C SER B 184 -6.68 8.21 -14.98
N VAL B 185 -7.26 8.61 -16.11
CA VAL B 185 -7.56 7.62 -17.18
C VAL B 185 -7.07 8.25 -18.49
N THR B 186 -6.53 7.45 -19.41
CA THR B 186 -6.00 7.96 -20.68
C THR B 186 -6.78 7.33 -21.84
N VAL B 187 -7.33 8.15 -22.73
CA VAL B 187 -8.18 7.65 -23.81
C VAL B 187 -7.78 8.28 -25.16
N PRO B 188 -8.23 7.68 -26.28
CA PRO B 188 -8.00 8.34 -27.60
C PRO B 188 -8.67 9.70 -27.72
N SER B 189 -7.94 10.68 -28.26
CA SER B 189 -8.48 12.02 -28.42
C SER B 189 -9.75 12.04 -29.28
N SER B 190 -10.06 10.91 -29.90
CA SER B 190 -11.22 10.82 -30.74
C SER B 190 -12.43 10.49 -29.90
N THR B 191 -12.25 9.65 -28.88
CA THR B 191 -13.39 9.15 -28.12
C THR B 191 -13.79 10.13 -27.02
N TRP B 192 -12.99 11.16 -26.79
CA TRP B 192 -13.33 12.15 -25.79
C TRP B 192 -13.10 13.50 -26.44
N PRO B 193 -14.07 14.40 -26.36
CA PRO B 193 -15.28 14.32 -25.58
C PRO B 193 -16.49 13.88 -26.32
N SER B 194 -16.37 13.29 -27.48
CA SER B 194 -17.55 12.96 -28.25
C SER B 194 -18.33 11.81 -27.62
N GLU B 195 -17.62 11.02 -26.86
CA GLU B 195 -18.09 9.94 -25.99
C GLU B 195 -17.87 10.35 -24.53
N THR B 196 -18.74 9.88 -23.65
CA THR B 196 -18.72 10.39 -22.31
C THR B 196 -17.76 9.51 -21.48
N VAL B 197 -17.07 10.18 -20.56
CA VAL B 197 -16.15 9.50 -19.61
C VAL B 197 -16.62 10.03 -18.22
N THR B 198 -16.90 9.07 -17.33
CA THR B 198 -17.43 9.25 -15.98
C THR B 198 -16.57 8.47 -14.95
N CYS B 199 -16.14 9.14 -13.87
CA CYS B 199 -15.52 8.39 -12.80
C CYS B 199 -16.62 8.06 -11.80
N ASN B 200 -16.60 6.84 -11.28
CA ASN B 200 -17.57 6.40 -10.29
C ASN B 200 -16.79 6.16 -9.01
N VAL B 201 -17.21 6.84 -7.95
CA VAL B 201 -16.49 6.80 -6.67
C VAL B 201 -17.43 6.19 -5.53
N ALA B 202 -17.00 5.15 -4.81
CA ALA B 202 -17.83 4.55 -3.75
C ALA B 202 -17.09 4.86 -2.44
N HIS B 203 -17.80 5.28 -1.39
CA HIS B 203 -17.15 5.47 -0.07
C HIS B 203 -18.06 4.71 0.91
N PRO B 204 -17.80 3.41 1.06
CA PRO B 204 -18.74 2.55 1.77
C PRO B 204 -18.99 3.01 3.22
N ALA B 205 -17.99 3.63 3.86
CA ALA B 205 -18.19 4.10 5.23
C ALA B 205 -19.31 5.14 5.37
N SER B 206 -19.49 5.99 4.37
CA SER B 206 -20.56 6.99 4.50
C SER B 206 -21.79 6.58 3.69
N SER B 207 -21.79 5.33 3.21
CA SER B 207 -22.79 4.80 2.26
C SER B 207 -23.04 5.74 1.11
N THR B 208 -21.97 6.14 0.41
CA THR B 208 -22.09 7.18 -0.62
C THR B 208 -21.48 6.63 -1.94
N LYS B 209 -22.10 6.98 -3.05
CA LYS B 209 -21.61 6.66 -4.38
C LYS B 209 -21.77 7.97 -5.17
N VAL B 210 -20.70 8.43 -5.83
CA VAL B 210 -20.77 9.64 -6.68
C VAL B 210 -20.34 9.28 -8.13
N ASP B 211 -21.14 9.66 -9.13
CA ASP B 211 -20.67 9.72 -10.54
C ASP B 211 -20.36 11.13 -10.94
N LYS B 212 -19.18 11.32 -11.51
CA LYS B 212 -18.82 12.61 -12.01
C LYS B 212 -18.42 12.54 -13.51
N LYS B 213 -19.26 13.10 -14.37
CA LYS B 213 -18.92 13.08 -15.78
C LYS B 213 -17.85 14.13 -16.02
N ILE B 214 -16.81 13.81 -16.79
CA ILE B 214 -15.80 14.81 -17.15
C ILE B 214 -16.24 15.58 -18.40
N VAL B 215 -16.43 16.89 -18.26
CA VAL B 215 -16.86 17.71 -19.41
C VAL B 215 -15.74 18.69 -19.81
N PRO B 216 -15.68 19.07 -21.13
CA PRO B 216 -14.61 19.99 -21.54
C PRO B 216 -14.68 21.35 -20.82
N ARG B 217 -13.54 22.00 -20.77
CA ARG B 217 -13.46 23.34 -20.18
C ARG B 217 -13.79 24.42 -21.21
#